data_3KWZ
#
_entry.id   3KWZ
#
_cell.length_a   55.814
_cell.length_b   55.814
_cell.length_c   129.115
_cell.angle_alpha   90.00
_cell.angle_beta   90.00
_cell.angle_gamma   90.00
#
_symmetry.space_group_name_H-M   'P 43 21 2'
#
loop_
_entity.id
_entity.type
_entity.pdbx_description
1 polymer 'Cathepsin K'
2 non-polymer 'SULFATE ION'
3 non-polymer 4-(3-piperidin-1-ylpropyl)-6-[3-(trifluoromethyl)phenyl]pyrimidine-2-carbonitrile
4 water water
#
_entity_poly.entity_id   1
_entity_poly.type   'polypeptide(L)'
_entity_poly.pdbx_seq_one_letter_code
;APDSVDYRKKGYVTPVKNQGQCGSCWAFSSVGALEGQLKKKTGKLLNLSPQNLVDCVSENDGCGGGYMTNAFQYVQKNRG
IDSEDAYPYVGQEESCMYNPTGKAAKCRGYREIPEGNEKALKRAVARVGPVSVAIDASLTSFQFYSKGVYYDESCNSDNL
NHAVLAVGYGIQKGNKHWIIKNSWGENWGNKGYILMARNKNNACGIANLASFPKM
;
_entity_poly.pdbx_strand_id   A
#
loop_
_chem_comp.id
_chem_comp.type
_chem_comp.name
_chem_comp.formula
KWZ non-polymer 4-(3-piperidin-1-ylpropyl)-6-[3-(trifluoromethyl)phenyl]pyrimidine-2-carbonitrile 'C20 H21 F3 N4'
SO4 non-polymer 'SULFATE ION' 'O4 S -2'
#
# COMPACT_ATOMS: atom_id res chain seq x y z
N ALA A 1 -19.23 -12.52 -0.85
CA ALA A 1 -18.91 -13.99 -0.77
C ALA A 1 -18.32 -14.36 0.59
N PRO A 2 -18.72 -15.52 1.15
CA PRO A 2 -18.13 -16.00 2.42
C PRO A 2 -16.64 -16.23 2.36
N ASP A 3 -16.00 -15.98 3.50
CA ASP A 3 -14.54 -15.92 3.64
C ASP A 3 -13.81 -15.03 2.63
N SER A 4 -14.39 -13.87 2.32
CA SER A 4 -13.75 -12.91 1.44
C SER A 4 -14.02 -11.49 1.94
N VAL A 5 -13.14 -10.56 1.60
CA VAL A 5 -13.48 -9.15 1.75
C VAL A 5 -12.88 -8.34 0.61
N ASP A 6 -13.61 -7.31 0.17
CA ASP A 6 -13.10 -6.37 -0.82
C ASP A 6 -13.33 -4.96 -0.28
N TYR A 7 -12.29 -4.34 0.24
CA TYR A 7 -12.40 -3.01 0.82
C TYR A 7 -12.75 -1.89 -0.16
N ARG A 8 -12.59 -2.10 -1.47
CA ARG A 8 -13.01 -1.12 -2.46
C ARG A 8 -14.50 -0.92 -2.45
N LYS A 9 -15.25 -1.99 -2.22
CA LYS A 9 -16.70 -1.89 -2.05
C LYS A 9 -17.14 -1.25 -0.75
N LYS A 10 -16.27 -1.17 0.25
CA LYS A 10 -16.63 -0.61 1.58
C LYS A 10 -16.19 0.84 1.79
N GLY A 11 -15.65 1.47 0.74
CA GLY A 11 -15.25 2.87 0.83
C GLY A 11 -13.91 3.14 1.48
N TYR A 12 -13.08 2.13 1.65
CA TYR A 12 -11.76 2.28 2.27
C TYR A 12 -10.62 2.63 1.29
N VAL A 13 -10.92 2.60 -0.01
CA VAL A 13 -9.89 2.65 -1.04
C VAL A 13 -10.11 3.80 -2.01
N THR A 14 -9.12 4.65 -2.13
CA THR A 14 -9.17 5.74 -3.07
C THR A 14 -8.84 5.24 -4.56
N PRO A 15 -9.04 6.13 -5.55
CA PRO A 15 -8.68 5.75 -6.94
C PRO A 15 -7.23 5.32 -7.10
N VAL A 16 -6.98 4.41 -8.02
CA VAL A 16 -5.63 4.07 -8.39
C VAL A 16 -4.80 5.30 -8.87
N LYS A 17 -3.55 5.40 -8.43
CA LYS A 17 -2.69 6.48 -8.81
C LYS A 17 -1.59 5.97 -9.73
N ASN A 18 -0.88 6.93 -10.30
CA ASN A 18 0.26 6.72 -11.14
C ASN A 18 1.44 7.49 -10.62
N GLN A 19 2.43 6.76 -10.13
CA GLN A 19 3.66 7.38 -9.59
C GLN A 19 4.54 8.09 -10.68
N GLY A 20 4.27 7.79 -11.94
CA GLY A 20 5.03 8.36 -13.06
C GLY A 20 6.36 7.67 -13.19
N GLN A 21 7.39 8.42 -13.52
CA GLN A 21 8.71 7.85 -13.59
C GLN A 21 9.40 7.74 -12.19
N CYS A 22 8.76 8.21 -11.12
CA CYS A 22 9.34 8.26 -9.78
C CYS A 22 9.12 6.97 -9.02
N GLY A 23 10.16 6.52 -8.29
CA GLY A 23 10.15 5.29 -7.50
C GLY A 23 9.52 5.52 -6.11
N SER A 24 8.30 6.06 -6.10
CA SER A 24 7.52 6.38 -4.91
C SER A 24 6.39 5.40 -4.55
N CYS A 25 6.46 4.17 -5.09
CA CYS A 25 5.54 3.12 -4.77
C CYS A 25 5.28 2.99 -3.25
N TRP A 26 6.31 3.16 -2.45
CA TRP A 26 6.19 3.04 -1.00
C TRP A 26 5.34 4.16 -0.37
N ALA A 27 5.31 5.35 -1.02
CA ALA A 27 4.58 6.47 -0.56
C ALA A 27 3.12 6.27 -0.90
N PHE A 28 2.86 5.65 -2.03
CA PHE A 28 1.48 5.29 -2.45
C PHE A 28 0.95 4.13 -1.60
N SER A 29 1.77 3.11 -1.29
CA SER A 29 1.42 2.02 -0.34
C SER A 29 1.04 2.63 1.02
N SER A 30 1.92 3.46 1.58
CA SER A 30 1.73 4.14 2.86
C SER A 30 0.49 5.04 2.98
N VAL A 31 0.26 5.93 2.00
CA VAL A 31 -0.94 6.73 2.01
C VAL A 31 -2.18 5.85 1.86
N GLY A 32 -2.09 4.79 1.05
CA GLY A 32 -3.18 3.83 0.96
C GLY A 32 -3.66 3.17 2.31
N ALA A 33 -2.73 2.66 3.10
CA ALA A 33 -3.00 2.07 4.38
C ALA A 33 -3.52 3.13 5.38
N LEU A 34 -2.90 4.30 5.40
CA LEU A 34 -3.45 5.50 6.12
C LEU A 34 -4.89 5.91 5.70
N GLU A 35 -5.18 5.97 4.38
CA GLU A 35 -6.54 6.23 3.83
C GLU A 35 -7.62 5.26 4.36
N GLY A 36 -7.27 3.98 4.38
CA GLY A 36 -8.08 2.89 4.88
C GLY A 36 -8.42 3.06 6.36
N GLN A 37 -7.41 3.42 7.15
CA GLN A 37 -7.58 3.68 8.60
C GLN A 37 -8.36 4.97 8.91
N LEU A 38 -8.22 5.98 8.07
CA LEU A 38 -9.04 7.19 8.12
C LEU A 38 -10.54 6.85 7.99
N LYS A 39 -10.86 6.02 7.00
CA LYS A 39 -12.22 5.56 6.79
C LYS A 39 -12.71 4.69 7.97
N LYS A 40 -11.84 3.79 8.43
CA LYS A 40 -12.12 2.90 9.58
C LYS A 40 -12.47 3.72 10.83
N LYS A 41 -11.67 4.73 11.13
CA LYS A 41 -11.77 5.52 12.36
CA LYS A 41 -11.80 5.48 12.36
C LYS A 41 -12.85 6.61 12.31
N THR A 42 -12.94 7.32 11.21
CA THR A 42 -13.81 8.48 11.12
C THR A 42 -15.09 8.30 10.25
N GLY A 43 -15.19 7.22 9.48
CA GLY A 43 -16.29 7.06 8.52
C GLY A 43 -16.12 7.69 7.15
N LYS A 44 -15.09 8.49 6.96
CA LYS A 44 -14.80 9.05 5.63
C LYS A 44 -13.29 9.12 5.38
N LEU A 45 -12.92 9.20 4.12
CA LEU A 45 -11.53 9.41 3.74
C LEU A 45 -11.37 10.52 2.72
N LEU A 46 -10.13 10.87 2.48
CA LEU A 46 -9.75 11.64 1.31
C LEU A 46 -8.38 11.16 0.88
N ASN A 47 -7.99 11.56 -0.32
CA ASN A 47 -6.65 11.32 -0.82
C ASN A 47 -5.61 12.02 0.09
N LEU A 48 -4.65 11.26 0.58
CA LEU A 48 -3.53 11.79 1.34
C LEU A 48 -2.30 12.00 0.40
N SER A 49 -1.34 12.79 0.85
CA SER A 49 -0.20 13.22 0.03
C SER A 49 1.02 12.23 0.00
N PRO A 50 1.18 11.47 -1.10
CA PRO A 50 2.47 10.80 -1.32
C PRO A 50 3.67 11.75 -1.44
N GLN A 51 3.48 12.94 -2.03
CA GLN A 51 4.55 13.89 -2.22
C GLN A 51 5.07 14.37 -0.89
N ASN A 52 4.19 14.59 0.07
CA ASN A 52 4.59 14.86 1.48
C ASN A 52 5.60 13.79 1.96
N LEU A 53 5.32 12.53 1.74
CA LEU A 53 6.23 11.45 2.13
C LEU A 53 7.56 11.45 1.34
N VAL A 54 7.48 11.46 0.02
CA VAL A 54 8.65 11.50 -0.89
C VAL A 54 9.60 12.62 -0.46
N ASP A 55 9.05 13.82 -0.26
CA ASP A 55 9.82 15.02 0.13
C ASP A 55 10.36 15.07 1.57
N CYS A 56 9.64 14.48 2.53
CA CYS A 56 9.91 14.69 3.98
C CYS A 56 10.37 13.50 4.85
N VAL A 57 10.17 12.28 4.34
CA VAL A 57 10.64 11.06 4.98
C VAL A 57 12.09 10.88 4.57
N SER A 58 12.98 11.45 5.37
CA SER A 58 14.38 11.53 5.05
C SER A 58 15.13 10.19 5.18
N GLU A 59 14.54 9.23 5.91
CA GLU A 59 15.02 7.85 6.05
C GLU A 59 14.82 7.01 4.77
N ASN A 60 13.93 7.44 3.89
CA ASN A 60 13.76 6.81 2.58
C ASN A 60 14.50 7.61 1.51
N ASP A 61 14.49 7.12 0.26
CA ASP A 61 15.28 7.63 -0.83
C ASP A 61 14.44 8.36 -1.86
N GLY A 62 13.34 8.98 -1.46
CA GLY A 62 12.47 9.71 -2.40
C GLY A 62 11.94 8.88 -3.56
N CYS A 63 12.36 9.29 -4.74
CA CYS A 63 12.06 8.55 -5.98
C CYS A 63 13.00 7.37 -6.27
N GLY A 64 13.96 7.14 -5.39
CA GLY A 64 14.81 5.97 -5.41
C GLY A 64 14.34 4.80 -4.59
N GLY A 65 13.16 4.91 -4.00
CA GLY A 65 12.63 3.81 -3.18
C GLY A 65 12.58 4.16 -1.68
N GLY A 66 12.07 3.21 -0.93
CA GLY A 66 11.73 3.39 0.50
C GLY A 66 10.86 2.32 1.09
N TYR A 67 10.62 2.44 2.38
CA TYR A 67 9.84 1.53 3.20
C TYR A 67 8.63 2.22 3.79
N MET A 68 7.55 1.47 3.87
CA MET A 68 6.30 2.00 4.41
C MET A 68 6.41 2.31 5.90
N THR A 69 7.06 1.44 6.66
CA THR A 69 7.31 1.63 8.11
C THR A 69 7.94 2.99 8.45
N ASN A 70 8.97 3.40 7.68
CA ASN A 70 9.56 4.74 7.79
C ASN A 70 8.57 5.90 7.57
N ALA A 71 7.63 5.72 6.65
CA ALA A 71 6.61 6.71 6.35
C ALA A 71 5.64 6.80 7.53
N PHE A 72 5.28 5.66 8.09
CA PHE A 72 4.37 5.63 9.23
C PHE A 72 5.03 6.32 10.42
N GLN A 73 6.32 6.03 10.63
CA GLN A 73 7.11 6.63 11.71
CA GLN A 73 7.08 6.64 11.71
C GLN A 73 7.15 8.13 11.54
N TYR A 74 7.34 8.58 10.29
CA TYR A 74 7.36 9.99 9.95
C TYR A 74 6.00 10.62 10.31
N VAL A 75 4.87 10.04 9.91
CA VAL A 75 3.57 10.71 10.12
C VAL A 75 3.27 10.87 11.64
N GLN A 76 3.60 9.85 12.41
CA GLN A 76 3.54 9.86 13.87
C GLN A 76 4.38 10.99 14.52
N LYS A 77 5.66 11.03 14.17
CA LYS A 77 6.64 11.97 14.71
CA LYS A 77 6.63 11.98 14.72
C LYS A 77 6.35 13.43 14.31
N ASN A 78 5.85 13.60 13.08
CA ASN A 78 5.50 14.89 12.51
C ASN A 78 4.11 15.42 12.95
N ARG A 79 3.37 14.57 13.64
CA ARG A 79 2.01 14.89 14.12
CA ARG A 79 2.00 14.87 14.10
C ARG A 79 1.02 15.13 12.98
N GLY A 80 1.30 14.56 11.80
CA GLY A 80 0.39 14.69 10.67
C GLY A 80 0.97 14.38 9.30
N ILE A 81 0.08 14.22 8.34
CA ILE A 81 0.35 14.14 6.92
C ILE A 81 -0.68 15.02 6.27
N ASP A 82 -0.26 15.80 5.28
CA ASP A 82 -1.17 16.63 4.49
C ASP A 82 -2.03 15.81 3.52
N SER A 83 -3.10 16.44 3.07
CA SER A 83 -3.96 15.88 2.04
C SER A 83 -3.21 16.00 0.68
N GLU A 84 -3.59 15.18 -0.31
CA GLU A 84 -3.19 15.35 -1.73
C GLU A 84 -3.51 16.75 -2.27
N ASP A 85 -4.68 17.25 -1.94
CA ASP A 85 -5.06 18.58 -2.35
C ASP A 85 -4.18 19.67 -1.68
N ALA A 86 -3.71 19.46 -0.46
CA ALA A 86 -2.84 20.43 0.21
C ALA A 86 -1.39 20.40 -0.26
N TYR A 87 -0.98 19.25 -0.79
CA TYR A 87 0.40 19.00 -1.12
C TYR A 87 0.39 17.99 -2.28
N PRO A 88 0.11 18.49 -3.53
CA PRO A 88 -0.08 17.66 -4.70
C PRO A 88 1.17 16.91 -5.24
N TYR A 89 0.90 15.81 -5.93
CA TYR A 89 1.93 14.94 -6.45
C TYR A 89 2.56 15.53 -7.68
N VAL A 90 3.88 15.70 -7.68
CA VAL A 90 4.60 16.27 -8.80
C VAL A 90 5.51 15.23 -9.49
N GLY A 91 5.71 14.05 -8.90
CA GLY A 91 6.53 12.99 -9.56
C GLY A 91 8.06 13.14 -9.53
N GLN A 92 8.55 14.02 -8.68
CA GLN A 92 9.96 14.14 -8.39
C GLN A 92 10.11 14.69 -7.01
N GLU A 93 11.26 14.43 -6.40
CA GLU A 93 11.53 14.86 -5.05
C GLU A 93 11.83 16.35 -5.02
N GLU A 94 11.31 17.03 -4.01
CA GLU A 94 11.43 18.47 -3.86
C GLU A 94 11.74 18.74 -2.43
N SER A 95 11.90 20.00 -2.08
CA SER A 95 12.15 20.29 -0.69
C SER A 95 10.92 19.92 0.12
N CYS A 96 11.11 19.56 1.39
CA CYS A 96 9.97 19.30 2.28
C CYS A 96 9.16 20.59 2.54
N MET A 97 7.90 20.56 2.20
CA MET A 97 7.05 21.72 2.31
C MET A 97 5.81 21.38 3.11
N TYR A 98 5.98 20.53 4.13
CA TYR A 98 4.85 20.15 4.97
C TYR A 98 4.33 21.41 5.69
N ASN A 99 3.01 21.59 5.67
CA ASN A 99 2.34 22.62 6.45
C ASN A 99 1.21 21.98 7.26
N PRO A 100 1.23 22.12 8.59
CA PRO A 100 0.19 21.54 9.40
C PRO A 100 -1.22 22.01 9.12
N THR A 101 -1.42 23.12 8.42
CA THR A 101 -2.78 23.59 8.19
C THR A 101 -3.46 22.75 7.07
N GLY A 102 -2.68 22.02 6.27
CA GLY A 102 -3.24 21.02 5.32
C GLY A 102 -3.35 19.59 5.85
N LYS A 103 -3.07 19.41 7.14
CA LYS A 103 -3.07 18.11 7.80
C LYS A 103 -4.43 17.45 7.67
N ALA A 104 -4.43 16.16 7.29
CA ALA A 104 -5.62 15.39 7.02
C ALA A 104 -5.65 14.04 7.74
N ALA A 105 -4.55 13.59 8.33
CA ALA A 105 -4.58 12.34 9.05
C ALA A 105 -3.43 12.32 9.98
N LYS A 106 -3.53 11.45 10.97
CA LYS A 106 -2.49 11.28 11.97
C LYS A 106 -2.21 9.80 12.14
N CYS A 107 -1.08 9.48 12.78
CA CYS A 107 -0.66 8.12 13.04
C CYS A 107 -0.05 8.01 14.46
N ARG A 108 -0.40 6.97 15.19
CA ARG A 108 0.17 6.69 16.52
C ARG A 108 1.12 5.50 16.50
N GLY A 109 1.72 5.21 15.35
CA GLY A 109 2.61 4.07 15.22
C GLY A 109 2.21 3.09 14.11
N TYR A 110 2.78 1.90 14.15
CA TYR A 110 2.41 0.84 13.21
C TYR A 110 2.75 -0.54 13.77
N ARG A 111 2.23 -1.56 13.11
CA ARG A 111 2.55 -2.91 13.41
C ARG A 111 2.91 -3.65 12.15
N GLU A 112 3.79 -4.62 12.32
CA GLU A 112 4.25 -5.50 11.26
C GLU A 112 3.68 -6.91 11.45
N ILE A 113 3.20 -7.53 10.36
CA ILE A 113 2.67 -8.89 10.32
C ILE A 113 3.86 -9.84 10.53
N PRO A 114 3.71 -10.91 11.35
CA PRO A 114 4.86 -11.87 11.46
C PRO A 114 5.35 -12.37 10.09
N GLU A 115 6.66 -12.38 9.90
CA GLU A 115 7.25 -12.54 8.57
C GLU A 115 6.91 -13.87 7.95
N GLY A 116 6.31 -13.82 6.78
CA GLY A 116 6.04 -14.99 5.96
C GLY A 116 4.74 -15.66 6.28
N ASN A 117 4.01 -15.13 7.26
CA ASN A 117 2.75 -15.75 7.76
C ASN A 117 1.52 -15.17 7.05
N GLU A 118 1.06 -15.88 6.01
CA GLU A 118 -0.10 -15.47 5.25
C GLU A 118 -1.44 -15.52 6.00
N LYS A 119 -1.50 -16.43 6.97
CA LYS A 119 -2.67 -16.58 7.79
C LYS A 119 -2.78 -15.34 8.69
N ALA A 120 -1.64 -14.88 9.21
CA ALA A 120 -1.56 -13.63 9.99
C ALA A 120 -1.94 -12.43 9.14
N LEU A 121 -1.46 -12.44 7.88
CA LEU A 121 -1.83 -11.39 6.91
C LEU A 121 -3.32 -11.37 6.64
N LYS A 122 -3.95 -12.52 6.56
CA LYS A 122 -5.37 -12.51 6.30
C LYS A 122 -6.15 -11.92 7.48
N ARG A 123 -5.77 -12.29 8.69
CA ARG A 123 -6.41 -11.73 9.91
C ARG A 123 -6.21 -10.25 10.02
N ALA A 124 -5.00 -9.77 9.67
CA ALA A 124 -4.71 -8.32 9.57
C ALA A 124 -5.66 -7.64 8.62
N VAL A 125 -5.77 -8.15 7.39
CA VAL A 125 -6.71 -7.60 6.36
C VAL A 125 -8.15 -7.61 6.83
N ALA A 126 -8.56 -8.70 7.48
CA ALA A 126 -9.92 -8.90 8.03
C ALA A 126 -10.22 -7.94 9.19
N ARG A 127 -9.26 -7.78 10.09
CA ARG A 127 -9.42 -7.03 11.38
C ARG A 127 -8.96 -5.57 11.40
N VAL A 128 -8.12 -5.19 10.43
CA VAL A 128 -7.61 -3.82 10.30
C VAL A 128 -8.20 -3.10 9.11
N GLY A 129 -8.07 -3.68 7.93
CA GLY A 129 -8.25 -2.95 6.69
C GLY A 129 -7.10 -3.20 5.72
N PRO A 130 -7.02 -2.36 4.71
CA PRO A 130 -5.88 -2.35 3.79
C PRO A 130 -4.52 -2.37 4.49
N VAL A 131 -3.66 -3.29 4.06
CA VAL A 131 -2.37 -3.52 4.66
C VAL A 131 -1.29 -3.26 3.59
N SER A 132 -0.26 -2.51 3.93
CA SER A 132 0.94 -2.30 3.09
C SER A 132 1.77 -3.54 2.98
N VAL A 133 2.08 -3.95 1.75
CA VAL A 133 2.85 -5.16 1.52
C VAL A 133 3.98 -4.89 0.48
N ALA A 134 5.08 -5.61 0.61
CA ALA A 134 6.18 -5.55 -0.33
C ALA A 134 6.20 -6.85 -1.06
N ILE A 135 6.54 -6.79 -2.35
CA ILE A 135 6.59 -7.98 -3.23
C ILE A 135 7.79 -7.88 -4.18
N ASP A 136 8.12 -9.02 -4.78
CA ASP A 136 8.94 -9.06 -6.02
C ASP A 136 8.04 -8.75 -7.17
N ALA A 137 8.20 -7.54 -7.71
CA ALA A 137 7.41 -7.12 -8.85
C ALA A 137 8.27 -7.11 -10.14
N SER A 138 9.41 -7.82 -10.12
CA SER A 138 10.42 -7.69 -11.21
C SER A 138 10.11 -8.47 -12.50
N LEU A 139 9.24 -9.44 -12.46
CA LEU A 139 9.09 -10.28 -13.58
C LEU A 139 8.28 -9.57 -14.64
N THR A 140 8.64 -9.86 -15.90
CA THR A 140 7.89 -9.50 -17.06
C THR A 140 6.45 -9.87 -16.89
N SER A 141 6.23 -11.12 -16.45
CA SER A 141 4.90 -11.66 -16.24
C SER A 141 4.01 -10.89 -15.25
N PHE A 142 4.62 -10.36 -14.19
CA PHE A 142 3.94 -9.45 -13.23
C PHE A 142 3.52 -8.18 -13.99
N GLN A 143 4.45 -7.59 -14.77
CA GLN A 143 4.22 -6.31 -15.43
C GLN A 143 3.12 -6.35 -16.52
N PHE A 144 3.02 -7.50 -17.21
CA PHE A 144 2.05 -7.69 -18.28
C PHE A 144 0.75 -8.30 -17.82
N TYR A 145 0.57 -8.45 -16.49
CA TYR A 145 -0.68 -8.93 -15.92
C TYR A 145 -1.90 -8.19 -16.48
N SER A 146 -2.94 -8.95 -16.81
CA SER A 146 -4.26 -8.40 -17.14
C SER A 146 -5.49 -9.04 -16.47
N LYS A 147 -5.49 -10.34 -16.18
CA LYS A 147 -6.68 -11.07 -15.76
C LYS A 147 -6.24 -12.32 -14.96
N GLY A 148 -7.16 -12.84 -14.12
CA GLY A 148 -6.93 -14.09 -13.40
C GLY A 148 -6.16 -13.88 -12.10
N VAL A 149 -5.78 -15.00 -11.49
CA VAL A 149 -4.94 -15.00 -10.31
C VAL A 149 -3.47 -15.23 -10.71
N TYR A 150 -2.63 -14.23 -10.40
CA TYR A 150 -1.19 -14.25 -10.70
C TYR A 150 -0.39 -15.17 -9.83
N TYR A 151 0.32 -16.07 -10.50
CA TYR A 151 1.29 -16.92 -9.88
C TYR A 151 2.39 -17.18 -10.93
N ASP A 152 3.64 -17.00 -10.53
CA ASP A 152 4.77 -17.33 -11.36
C ASP A 152 5.79 -17.94 -10.42
N GLU A 153 6.20 -19.16 -10.77
CA GLU A 153 7.19 -19.96 -10.03
C GLU A 153 8.54 -19.27 -9.93
N SER A 154 8.82 -18.34 -10.85
CA SER A 154 10.05 -17.56 -10.86
C SER A 154 10.10 -16.42 -9.87
N CYS A 155 8.96 -16.06 -9.27
CA CYS A 155 8.92 -14.99 -8.32
C CYS A 155 9.81 -15.30 -7.11
N ASN A 156 10.64 -14.35 -6.69
CA ASN A 156 11.61 -14.56 -5.61
C ASN A 156 11.15 -13.92 -4.30
N SER A 157 10.70 -14.73 -3.34
CA SER A 157 10.15 -14.18 -2.08
C SER A 157 11.19 -13.40 -1.25
N ASP A 158 12.47 -13.56 -1.57
CA ASP A 158 13.55 -12.82 -0.92
C ASP A 158 13.96 -11.55 -1.65
N ASN A 159 13.51 -11.36 -2.88
CA ASN A 159 13.78 -10.13 -3.65
C ASN A 159 12.59 -9.15 -3.56
N LEU A 160 12.42 -8.50 -2.41
CA LEU A 160 11.35 -7.55 -2.25
C LEU A 160 11.82 -6.21 -2.81
N ASN A 161 11.16 -5.73 -3.85
CA ASN A 161 11.64 -4.56 -4.62
C ASN A 161 10.55 -3.57 -5.01
N HIS A 162 9.34 -3.81 -4.55
CA HIS A 162 8.20 -3.01 -4.90
C HIS A 162 7.11 -3.03 -3.81
N ALA A 163 6.53 -1.86 -3.53
CA ALA A 163 5.48 -1.67 -2.53
C ALA A 163 4.13 -1.49 -3.14
N VAL A 164 3.17 -2.22 -2.55
CA VAL A 164 1.76 -2.30 -2.98
C VAL A 164 0.84 -2.31 -1.77
N LEU A 165 -0.46 -2.45 -1.99
CA LEU A 165 -1.43 -2.36 -0.91
C LEU A 165 -2.42 -3.50 -1.04
N ALA A 166 -2.47 -4.37 -0.01
CA ALA A 166 -3.46 -5.46 0.03
C ALA A 166 -4.82 -4.92 0.51
N VAL A 167 -5.83 -4.97 -0.37
CA VAL A 167 -7.15 -4.33 -0.12
C VAL A 167 -8.28 -5.35 -0.01
N GLY A 168 -7.93 -6.63 0.08
CA GLY A 168 -8.90 -7.68 0.21
C GLY A 168 -8.31 -9.00 -0.11
N TYR A 169 -9.15 -10.01 -0.07
CA TYR A 169 -8.79 -11.39 -0.41
C TYR A 169 -10.06 -12.15 -0.77
N GLY A 170 -9.88 -13.24 -1.49
CA GLY A 170 -10.98 -14.10 -1.89
C GLY A 170 -10.49 -15.29 -2.66
N ILE A 171 -11.36 -15.77 -3.56
CA ILE A 171 -11.08 -16.90 -4.41
C ILE A 171 -11.74 -16.61 -5.79
N GLN A 172 -11.06 -16.95 -6.87
CA GLN A 172 -11.62 -16.80 -8.23
C GLN A 172 -11.35 -18.08 -8.99
N LYS A 173 -12.42 -18.74 -9.43
CA LYS A 173 -12.33 -20.04 -10.14
C LYS A 173 -11.50 -21.08 -9.41
N GLY A 174 -11.66 -21.17 -8.10
CA GLY A 174 -10.91 -22.12 -7.30
C GLY A 174 -9.52 -21.68 -6.85
N ASN A 175 -9.09 -20.49 -7.29
CA ASN A 175 -7.78 -19.93 -6.94
C ASN A 175 -7.89 -18.80 -5.89
N LYS A 176 -7.41 -19.09 -4.69
CA LYS A 176 -7.35 -18.11 -3.62
C LYS A 176 -6.41 -16.97 -3.96
N HIS A 177 -6.85 -15.76 -3.68
CA HIS A 177 -6.04 -14.59 -3.94
C HIS A 177 -6.08 -13.49 -2.86
N TRP A 178 -5.09 -12.62 -2.96
CA TRP A 178 -5.08 -11.24 -2.48
C TRP A 178 -5.50 -10.25 -3.58
N ILE A 179 -6.32 -9.27 -3.24
CA ILE A 179 -6.61 -8.08 -4.11
C ILE A 179 -5.54 -7.03 -3.81
N ILE A 180 -4.74 -6.75 -4.85
CA ILE A 180 -3.57 -5.88 -4.73
C ILE A 180 -3.72 -4.58 -5.56
N LYS A 181 -3.64 -3.46 -4.86
CA LYS A 181 -3.62 -2.14 -5.46
C LYS A 181 -2.19 -1.74 -5.81
N ASN A 182 -1.95 -1.41 -7.07
CA ASN A 182 -0.65 -0.90 -7.52
C ASN A 182 -0.76 0.64 -7.75
N SER A 183 0.39 1.27 -8.01
CA SER A 183 0.53 2.69 -8.31
C SER A 183 1.17 2.93 -9.70
N TRP A 184 0.82 2.09 -10.67
CA TRP A 184 1.27 2.32 -12.07
C TRP A 184 0.12 2.86 -12.98
N GLY A 185 -0.91 3.49 -12.41
CA GLY A 185 -2.04 4.02 -13.16
C GLY A 185 -3.14 3.01 -13.29
N GLU A 186 -4.31 3.49 -13.64
CA GLU A 186 -5.49 2.61 -13.87
C GLU A 186 -5.31 1.85 -15.16
N ASN A 187 -4.46 2.34 -16.05
CA ASN A 187 -4.19 1.61 -17.32
C ASN A 187 -3.52 0.24 -17.11
N TRP A 188 -2.70 0.15 -16.05
CA TRP A 188 -1.96 -1.08 -15.71
C TRP A 188 -2.85 -2.19 -15.18
N GLY A 189 -2.55 -3.43 -15.51
CA GLY A 189 -3.21 -4.55 -14.88
C GLY A 189 -4.69 -4.54 -15.20
N ASN A 190 -5.49 -4.83 -14.17
CA ASN A 190 -6.94 -4.78 -14.29
C ASN A 190 -7.49 -3.55 -13.56
N LYS A 191 -7.63 -2.48 -14.30
CA LYS A 191 -7.95 -1.19 -13.74
C LYS A 191 -7.04 -0.71 -12.58
N GLY A 192 -5.75 -1.07 -12.65
CA GLY A 192 -4.75 -0.67 -11.64
C GLY A 192 -4.42 -1.73 -10.62
N TYR A 193 -5.18 -2.81 -10.68
CA TYR A 193 -5.19 -3.88 -9.69
C TYR A 193 -4.60 -5.18 -10.22
N ILE A 194 -4.07 -5.97 -9.32
CA ILE A 194 -3.68 -7.35 -9.60
C ILE A 194 -4.21 -8.30 -8.50
N LEU A 195 -4.79 -9.44 -8.93
CA LEU A 195 -5.05 -10.60 -8.04
C LEU A 195 -3.85 -11.49 -7.95
N MET A 196 -3.25 -11.57 -6.75
CA MET A 196 -2.09 -12.40 -6.54
C MET A 196 -2.40 -13.66 -5.70
N ALA A 197 -1.80 -14.80 -6.11
CA ALA A 197 -1.86 -16.07 -5.39
C ALA A 197 -1.74 -15.95 -3.85
N ARG A 198 -2.75 -16.51 -3.20
CA ARG A 198 -2.83 -16.59 -1.75
C ARG A 198 -2.70 -18.03 -1.34
N ASN A 199 -1.93 -18.24 -0.28
CA ASN A 199 -1.65 -19.58 0.31
C ASN A 199 -0.94 -20.53 -0.67
N LYS A 200 -0.03 -19.98 -1.46
CA LYS A 200 0.78 -20.71 -2.39
C LYS A 200 2.20 -20.46 -1.98
N ASN A 201 2.48 -20.85 -0.73
CA ASN A 201 3.78 -20.73 -0.12
C ASN A 201 4.36 -19.32 -0.28
N ASN A 202 3.59 -18.31 0.12
CA ASN A 202 4.08 -16.91 0.22
C ASN A 202 4.63 -16.45 -1.14
N ALA A 203 3.80 -16.60 -2.16
CA ALA A 203 4.15 -16.27 -3.55
C ALA A 203 4.50 -14.76 -3.70
N CYS A 204 5.70 -14.51 -4.26
CA CYS A 204 6.31 -13.18 -4.44
C CYS A 204 6.70 -12.42 -3.15
N GLY A 205 6.76 -13.13 -2.03
CA GLY A 205 7.08 -12.53 -0.73
C GLY A 205 5.95 -11.71 -0.11
N ILE A 206 4.70 -12.01 -0.45
CA ILE A 206 3.56 -11.17 -0.14
C ILE A 206 3.42 -10.87 1.38
N ALA A 207 3.77 -11.86 2.21
CA ALA A 207 3.65 -11.78 3.70
C ALA A 207 5.00 -11.52 4.39
N ASN A 208 6.06 -11.26 3.62
CA ASN A 208 7.37 -11.01 4.16
C ASN A 208 7.67 -9.64 4.73
N LEU A 209 6.99 -8.58 4.26
CA LEU A 209 7.16 -7.18 4.75
C LEU A 209 5.84 -6.35 4.78
N ALA A 210 4.86 -6.89 5.50
CA ALA A 210 3.55 -6.36 5.68
C ALA A 210 3.36 -5.57 7.01
N SER A 211 2.77 -4.40 6.91
CA SER A 211 2.55 -3.50 8.00
C SER A 211 1.29 -2.62 7.79
N PHE A 212 0.75 -2.15 8.90
CA PHE A 212 -0.32 -1.19 8.86
C PHE A 212 -0.10 -0.13 9.92
N PRO A 213 -0.68 1.05 9.71
CA PRO A 213 -0.61 2.11 10.68
C PRO A 213 -1.67 2.01 11.78
N LYS A 214 -1.30 2.45 12.98
CA LYS A 214 -2.22 2.63 14.10
C LYS A 214 -2.71 4.06 14.04
N MET A 215 -3.98 4.24 14.31
CA MET A 215 -4.63 5.54 14.21
C MET A 215 -5.74 5.74 15.31
S SO4 B . 8.94 1.13 -10.26
O1 SO4 B . 9.64 -0.12 -10.01
O2 SO4 B . 8.60 1.30 -11.65
O3 SO4 B . 7.67 0.97 -9.58
O4 SO4 B . 9.61 2.35 -9.88
S SO4 C . -3.63 6.48 -15.61
O1 SO4 C . -3.18 5.21 -16.12
O2 SO4 C . -4.45 7.23 -16.53
O3 SO4 C . -4.41 6.18 -14.40
O4 SO4 C . -2.49 7.31 -15.31
S SO4 D . 10.39 -13.07 -16.50
O1 SO4 D . 11.01 -14.34 -16.16
O2 SO4 D . 10.79 -12.81 -17.90
O3 SO4 D . 8.93 -13.15 -16.42
O4 SO4 D . 11.06 -11.92 -15.87
S SO4 E . -2.01 -12.38 -18.19
O1 SO4 E . -0.57 -12.35 -18.23
O2 SO4 E . -2.48 -11.56 -19.29
O3 SO4 E . -2.46 -13.78 -18.33
O4 SO4 E . -2.59 -11.81 -16.97
S SO4 F . 14.37 12.87 -8.56
O1 SO4 F . 15.04 11.57 -8.64
O2 SO4 F . 13.39 12.93 -9.65
O3 SO4 F . 13.62 13.04 -7.31
O4 SO4 F . 15.40 13.92 -8.65
S SO4 G . -0.99 -18.86 12.62
O1 SO4 G . -0.29 -19.22 13.86
O2 SO4 G . -0.39 -19.47 11.41
O3 SO4 G . -2.37 -19.33 12.62
O4 SO4 G . -0.83 -17.41 12.51
N1 KWZ H . 10.28 0.45 -4.59
C2 KWZ H . 11.55 0.23 -4.26
C3 KWZ H . 12.55 0.79 -5.09
C4 KWZ H . 12.21 1.63 -6.15
N5 KWZ H . 10.92 1.85 -6.39
C6 KWZ H . 9.98 1.24 -5.64
C7 KWZ H . 11.81 -0.71 -3.11
C8 KWZ H . 13.26 2.26 -7.03
C9 KWZ H . 13.00 1.96 -8.50
C10 KWZ H . 13.07 0.45 -8.77
N11 KWZ H . 13.12 -0.03 -10.19
C12 KWZ H . 10.72 -1.08 -2.30
C13 KWZ H . 10.85 -1.97 -1.23
C14 KWZ H . 12.12 -2.51 -0.97
C15 KWZ H . 13.19 -2.15 -1.78
C16 KWZ H . 13.06 -1.26 -2.84
C17 KWZ H . 9.68 -2.34 -0.39
F18 KWZ H . 8.66 -2.79 -1.11
F19 KWZ H . 10.07 -3.29 0.41
F20 KWZ H . 9.24 -1.37 0.41
C21 KWZ H . 12.67 0.97 -11.19
C22 KWZ H . 12.31 0.48 -12.60
C23 KWZ H . 12.21 -1.03 -12.80
C24 KWZ H . 12.56 -1.95 -11.62
C25 KWZ H . 12.45 -1.33 -10.24
C26 KWZ H . 8.59 1.54 -5.97
N27 KWZ H . 8.41 2.38 -6.89
#